data_5KZL
#
_entry.id   5KZL
#
_cell.length_a   37.640
_cell.length_b   58.790
_cell.length_c   86.700
_cell.angle_alpha   90.00
_cell.angle_beta   90.00
_cell.angle_gamma   90.00
#
_symmetry.space_group_name_H-M   'P 21 21 21'
#
loop_
_entity.id
_entity.type
_entity.pdbx_description
1 polymer 'Heme oxygenase'
2 non-polymer 'PROTOPORPHYRIN IX CONTAINING FE'
3 water water
#
_entity_poly.entity_id   1
_entity_poly.type   'polypeptide(L)'
_entity_poly.pdbx_seq_one_letter_code
;GHMASGSMSLATILREGTSEEHKAAESSAFIRSFMKGILEKGTYARHLEAFYYVYESMEEELERNKNNLVLKSIYFPELY
RKNALLEDLQFFYGTWKPNDHQPSVATQDYVQRIRKISETQPELLAAHSYVRYLGDLSGGQILKKVAARALNLPEGKGIS
FYEFPMIQDINGFKQNYRTALDSLPVNDSEKQSILAESKQVFLLNQGIFSEL
;
_entity_poly.pdbx_strand_id   A
#
# COMPACT_ATOMS: atom_id res chain seq x y z
N MET A 8 11.93 14.24 -16.88
CA MET A 8 10.80 15.07 -16.53
C MET A 8 10.21 14.71 -15.14
N SER A 9 8.95 15.09 -14.87
CA SER A 9 8.29 14.97 -13.58
C SER A 9 8.25 13.54 -13.04
N LEU A 10 8.80 13.31 -11.81
CA LEU A 10 8.79 11.99 -11.21
C LEU A 10 7.34 11.46 -11.07
N ALA A 11 6.38 12.33 -10.66
CA ALA A 11 4.99 11.89 -10.49
C ALA A 11 4.44 11.40 -11.84
N THR A 12 4.80 12.09 -12.94
CA THR A 12 4.39 11.73 -14.30
C THR A 12 5.10 10.42 -14.76
N ILE A 13 6.41 10.32 -14.49
CA ILE A 13 7.23 9.13 -14.83
C ILE A 13 6.62 7.86 -14.22
N LEU A 14 6.26 7.95 -12.93
CA LEU A 14 5.66 6.83 -12.22
C LEU A 14 4.26 6.52 -12.74
N ARG A 15 3.43 7.54 -12.99
CA ARG A 15 2.06 7.32 -13.49
C ARG A 15 2.08 6.65 -14.87
N GLU A 16 2.83 7.23 -15.82
CA GLU A 16 2.94 6.71 -17.19
C GLU A 16 3.69 5.38 -17.22
N GLY A 17 4.75 5.25 -16.44
CA GLY A 17 5.56 4.04 -16.40
C GLY A 17 4.94 2.82 -15.73
N THR A 18 3.90 3.00 -14.90
CA THR A 18 3.33 1.84 -14.20
C THR A 18 1.86 1.54 -14.57
N SER A 19 1.34 2.17 -15.64
CA SER A 19 -0.04 1.97 -16.11
C SER A 19 -0.35 0.51 -16.41
N GLU A 20 0.59 -0.22 -17.05
CA GLU A 20 0.37 -1.64 -17.36
C GLU A 20 0.42 -2.55 -16.13
N GLU A 21 1.31 -2.25 -15.17
CA GLU A 21 1.51 -3.03 -13.93
C GLU A 21 0.27 -2.96 -13.05
N HIS A 22 -0.39 -1.77 -13.01
CA HIS A 22 -1.62 -1.50 -12.27
C HIS A 22 -2.70 -2.44 -12.81
N LYS A 23 -2.86 -2.51 -14.15
CA LYS A 23 -3.80 -3.41 -14.82
C LYS A 23 -3.51 -4.90 -14.52
N ALA A 24 -2.24 -5.34 -14.68
CA ALA A 24 -1.82 -6.73 -14.42
C ALA A 24 -2.06 -7.21 -12.97
N ALA A 25 -2.06 -6.28 -11.99
CA ALA A 25 -2.30 -6.58 -10.57
C ALA A 25 -3.75 -7.08 -10.28
N GLU A 26 -4.64 -6.96 -11.30
CA GLU A 26 -6.04 -7.41 -11.25
C GLU A 26 -6.24 -8.77 -11.93
N SER A 27 -5.14 -9.42 -12.39
CA SER A 27 -5.16 -10.74 -13.02
C SER A 27 -5.46 -11.82 -11.99
N SER A 28 -5.38 -11.46 -10.71
CA SER A 28 -5.72 -12.33 -9.59
C SER A 28 -7.23 -12.44 -9.57
N ALA A 29 -7.77 -13.63 -9.25
CA ALA A 29 -9.21 -13.85 -9.13
C ALA A 29 -9.76 -13.18 -7.87
N PHE A 30 -8.88 -12.96 -6.86
CA PHE A 30 -9.28 -12.29 -5.62
C PHE A 30 -9.75 -10.87 -5.97
N ILE A 31 -8.92 -10.13 -6.74
CA ILE A 31 -9.22 -8.76 -7.17
C ILE A 31 -10.37 -8.73 -8.19
N ARG A 32 -10.40 -9.64 -9.18
CA ARG A 32 -11.53 -9.64 -10.14
C ARG A 32 -12.88 -9.75 -9.42
N SER A 33 -12.99 -10.69 -8.46
CA SER A 33 -14.24 -10.89 -7.73
C SER A 33 -14.55 -9.67 -6.87
N PHE A 34 -13.53 -9.13 -6.16
CA PHE A 34 -13.62 -7.91 -5.34
C PHE A 34 -14.19 -6.79 -6.23
N MET A 35 -13.70 -6.65 -7.48
CA MET A 35 -14.19 -5.63 -8.42
C MET A 35 -15.64 -5.87 -8.87
N LYS A 36 -16.09 -7.13 -8.86
CA LYS A 36 -17.47 -7.50 -9.21
C LYS A 36 -18.40 -7.33 -8.00
N GLY A 37 -17.82 -7.05 -6.83
CA GLY A 37 -18.56 -6.86 -5.58
C GLY A 37 -18.72 -8.12 -4.78
N ILE A 38 -17.85 -9.11 -5.03
CA ILE A 38 -17.84 -10.41 -4.35
C ILE A 38 -16.55 -10.57 -3.52
N LEU A 39 -16.73 -10.79 -2.21
CA LEU A 39 -15.66 -11.08 -1.26
C LEU A 39 -16.14 -12.17 -0.34
N GLU A 40 -15.21 -13.01 0.12
CA GLU A 40 -15.47 -14.04 1.12
C GLU A 40 -14.67 -13.61 2.37
N LYS A 41 -15.35 -13.56 3.53
CA LYS A 41 -14.84 -13.14 4.84
C LYS A 41 -13.42 -13.65 5.14
N GLY A 42 -13.26 -14.97 5.05
CA GLY A 42 -12.00 -15.66 5.33
C GLY A 42 -10.86 -15.20 4.46
N THR A 43 -11.10 -15.17 3.14
CA THR A 43 -10.12 -14.74 2.14
C THR A 43 -9.77 -13.26 2.33
N TYR A 44 -10.78 -12.42 2.55
CA TYR A 44 -10.58 -11.00 2.79
C TYR A 44 -9.68 -10.75 4.01
N ALA A 45 -9.92 -11.48 5.11
CA ALA A 45 -9.14 -11.35 6.35
C ALA A 45 -7.65 -11.72 6.12
N ARG A 46 -7.36 -12.81 5.34
CA ARG A 46 -6.00 -13.23 5.01
CA ARG A 46 -6.01 -13.24 4.98
C ARG A 46 -5.32 -12.15 4.16
N HIS A 47 -6.10 -11.49 3.29
CA HIS A 47 -5.63 -10.39 2.46
C HIS A 47 -5.17 -9.23 3.38
N LEU A 48 -5.97 -8.89 4.44
CA LEU A 48 -5.57 -7.87 5.44
C LEU A 48 -4.33 -8.30 6.23
N GLU A 49 -4.16 -9.60 6.49
CA GLU A 49 -2.98 -10.08 7.24
C GLU A 49 -1.72 -9.79 6.47
N ALA A 50 -1.72 -10.09 5.16
CA ALA A 50 -0.57 -9.85 4.29
C ALA A 50 -0.24 -8.34 4.29
N PHE A 51 -1.27 -7.46 4.19
CA PHE A 51 -1.06 -6.01 4.24
C PHE A 51 -0.56 -5.57 5.60
N TYR A 52 -1.06 -6.18 6.69
CA TYR A 52 -0.53 -5.83 8.00
C TYR A 52 1.00 -5.94 8.04
N TYR A 53 1.55 -7.09 7.63
CA TYR A 53 3.01 -7.31 7.68
C TYR A 53 3.76 -6.34 6.76
N VAL A 54 3.18 -6.08 5.59
CA VAL A 54 3.80 -5.19 4.60
C VAL A 54 3.89 -3.77 5.15
N TYR A 55 2.76 -3.21 5.59
CA TYR A 55 2.74 -1.84 6.12
C TYR A 55 3.52 -1.71 7.42
N GLU A 56 3.52 -2.73 8.30
CA GLU A 56 4.31 -2.70 9.54
C GLU A 56 5.78 -2.48 9.18
N SER A 57 6.29 -3.26 8.22
CA SER A 57 7.69 -3.17 7.75
C SER A 57 7.95 -1.83 7.04
N MET A 58 7.08 -1.46 6.06
CA MET A 58 7.25 -0.20 5.35
CA MET A 58 7.16 -0.18 5.35
C MET A 58 7.30 0.98 6.32
N GLU A 59 6.41 1.01 7.35
CA GLU A 59 6.35 2.10 8.35
C GLU A 59 7.54 2.05 9.29
N GLU A 60 8.06 0.85 9.58
CA GLU A 60 9.28 0.74 10.39
C GLU A 60 10.45 1.40 9.63
N GLU A 61 10.57 1.07 8.34
CA GLU A 61 11.64 1.55 7.47
C GLU A 61 11.50 3.03 7.07
N LEU A 62 10.27 3.52 6.84
CA LEU A 62 10.07 4.94 6.54
C LEU A 62 10.39 5.81 7.77
N GLU A 63 10.08 5.30 8.98
CA GLU A 63 10.39 6.02 10.22
C GLU A 63 11.88 6.03 10.44
N ARG A 64 12.54 4.89 10.19
CA ARG A 64 14.00 4.75 10.33
C ARG A 64 14.72 5.73 9.41
N ASN A 65 14.23 5.89 8.17
CA ASN A 65 14.84 6.76 7.18
C ASN A 65 14.15 8.11 7.03
N LYS A 66 13.38 8.56 8.03
CA LYS A 66 12.61 9.82 7.91
C LYS A 66 13.45 11.06 7.61
N ASN A 67 14.73 11.10 8.07
CA ASN A 67 15.60 12.27 7.84
C ASN A 67 16.52 12.13 6.63
N ASN A 68 16.37 11.04 5.85
CA ASN A 68 17.08 10.89 4.60
C ASN A 68 16.72 12.12 3.72
N LEU A 69 17.73 12.74 3.09
CA LEU A 69 17.55 13.97 2.30
C LEU A 69 16.56 13.83 1.16
N VAL A 70 16.51 12.65 0.54
CA VAL A 70 15.56 12.42 -0.55
C VAL A 70 14.15 12.19 0.00
N LEU A 71 14.00 11.38 1.07
CA LEU A 71 12.69 11.05 1.63
C LEU A 71 12.05 12.14 2.48
N LYS A 72 12.84 13.09 3.03
CA LYS A 72 12.36 14.15 3.92
C LYS A 72 11.03 14.82 3.48
N SER A 73 10.93 15.21 2.19
CA SER A 73 9.72 15.87 1.68
C SER A 73 8.51 14.94 1.47
N ILE A 74 8.67 13.61 1.62
CA ILE A 74 7.52 12.68 1.54
C ILE A 74 7.29 12.01 2.90
N TYR A 75 7.71 12.70 3.97
CA TYR A 75 7.48 12.21 5.33
C TYR A 75 6.02 12.49 5.63
N PHE A 76 5.17 11.46 5.43
CA PHE A 76 3.73 11.60 5.59
C PHE A 76 3.11 10.55 6.55
N PRO A 77 3.27 10.71 7.89
CA PRO A 77 2.66 9.76 8.83
C PRO A 77 1.13 9.70 8.73
N GLU A 78 0.50 10.72 8.11
CA GLU A 78 -0.97 10.78 7.87
C GLU A 78 -1.42 9.55 7.08
N LEU A 79 -0.52 8.98 6.27
CA LEU A 79 -0.80 7.84 5.38
C LEU A 79 -0.68 6.49 6.02
N TYR A 80 0.04 6.38 7.17
CA TYR A 80 0.31 5.08 7.83
C TYR A 80 -0.95 4.25 8.02
N ARG A 81 -0.83 2.94 7.72
CA ARG A 81 -1.92 1.98 7.67
C ARG A 81 -1.87 0.87 8.70
N LYS A 82 -0.70 0.63 9.34
CA LYS A 82 -0.54 -0.49 10.29
C LYS A 82 -1.65 -0.55 11.36
N ASN A 83 -1.96 0.59 11.98
CA ASN A 83 -3.01 0.64 13.03
C ASN A 83 -4.42 0.46 12.47
N ALA A 84 -4.69 0.98 11.28
CA ALA A 84 -5.99 0.82 10.61
C ALA A 84 -6.19 -0.67 10.30
N LEU A 85 -5.12 -1.35 9.81
CA LEU A 85 -5.13 -2.78 9.51
C LEU A 85 -5.40 -3.64 10.76
N LEU A 86 -4.73 -3.32 11.87
CA LEU A 86 -4.94 -4.00 13.17
C LEU A 86 -6.39 -3.93 13.60
N GLU A 87 -6.99 -2.73 13.45
CA GLU A 87 -8.39 -2.51 13.80
C GLU A 87 -9.33 -3.35 12.94
N ASP A 88 -9.13 -3.37 11.61
CA ASP A 88 -9.95 -4.20 10.73
C ASP A 88 -9.74 -5.68 11.05
N LEU A 89 -8.50 -6.10 11.35
CA LEU A 89 -8.21 -7.48 11.73
C LEU A 89 -8.96 -7.89 13.01
N GLN A 90 -9.02 -6.97 14.00
CA GLN A 90 -9.79 -7.25 15.21
C GLN A 90 -11.30 -7.40 14.84
N PHE A 91 -11.83 -6.57 13.92
CA PHE A 91 -13.24 -6.69 13.55
C PHE A 91 -13.54 -8.09 12.95
N PHE A 92 -12.69 -8.53 12.01
CA PHE A 92 -12.90 -9.83 11.36
C PHE A 92 -12.61 -11.05 12.25
N TYR A 93 -11.55 -10.98 13.06
CA TYR A 93 -11.15 -12.13 13.88
C TYR A 93 -11.67 -12.16 15.32
N GLY A 94 -12.11 -11.02 15.84
CA GLY A 94 -12.52 -10.87 17.23
C GLY A 94 -11.29 -10.55 18.05
N THR A 95 -10.26 -11.39 17.91
CA THR A 95 -8.94 -11.24 18.52
C THR A 95 -7.92 -11.73 17.48
N TRP A 96 -7.04 -10.84 17.01
CA TRP A 96 -6.07 -11.30 16.04
C TRP A 96 -4.71 -11.51 16.66
N LYS A 97 -4.28 -12.77 16.69
CA LYS A 97 -2.97 -13.16 17.21
C LYS A 97 -1.96 -13.33 16.02
N PRO A 98 -0.94 -12.43 15.88
CA PRO A 98 0.03 -12.58 14.77
C PRO A 98 0.75 -13.92 14.72
N ASN A 99 1.08 -14.51 15.87
CA ASN A 99 1.78 -15.80 15.91
C ASN A 99 0.90 -16.96 15.42
N ASP A 100 -0.42 -16.80 15.53
CA ASP A 100 -1.38 -17.78 15.01
C ASP A 100 -1.59 -17.55 13.50
N HIS A 101 -1.20 -16.34 13.00
CA HIS A 101 -1.35 -15.93 11.60
C HIS A 101 -0.06 -15.29 11.09
N GLN A 102 1.04 -16.10 11.03
CA GLN A 102 2.39 -15.71 10.60
C GLN A 102 2.41 -15.31 9.12
N PRO A 103 3.33 -14.41 8.66
CA PRO A 103 3.30 -14.00 7.24
C PRO A 103 3.46 -15.12 6.21
N SER A 104 2.64 -15.08 5.17
CA SER A 104 2.69 -16.03 4.06
C SER A 104 4.05 -15.92 3.34
N VAL A 105 4.39 -16.90 2.47
CA VAL A 105 5.61 -16.92 1.66
C VAL A 105 5.76 -15.59 0.86
N ALA A 106 4.73 -15.19 0.09
CA ALA A 106 4.76 -13.97 -0.72
C ALA A 106 4.85 -12.72 0.15
N THR A 107 4.25 -12.75 1.37
CA THR A 107 4.31 -11.63 2.32
C THR A 107 5.76 -11.47 2.82
N GLN A 108 6.40 -12.59 3.18
CA GLN A 108 7.80 -12.63 3.64
C GLN A 108 8.79 -12.08 2.59
N ASP A 109 8.58 -12.39 1.31
CA ASP A 109 9.45 -11.91 0.26
C ASP A 109 9.30 -10.41 0.06
N TYR A 110 8.06 -9.91 0.25
CA TYR A 110 7.73 -8.50 0.13
C TYR A 110 8.40 -7.75 1.29
N VAL A 111 8.24 -8.20 2.54
CA VAL A 111 8.86 -7.62 3.73
C VAL A 111 10.40 -7.62 3.60
N GLN A 112 10.98 -8.72 3.09
CA GLN A 112 12.41 -8.79 2.86
C GLN A 112 12.85 -7.69 1.90
N ARG A 113 12.08 -7.49 0.81
CA ARG A 113 12.41 -6.47 -0.16
C ARG A 113 12.44 -5.12 0.51
N ILE A 114 11.42 -4.81 1.34
CA ILE A 114 11.32 -3.54 2.04
C ILE A 114 12.54 -3.32 2.95
N ARG A 115 12.86 -4.34 3.73
CA ARG A 115 13.97 -4.28 4.68
C ARG A 115 15.31 -4.04 3.99
N LYS A 116 15.60 -4.83 2.96
CA LYS A 116 16.86 -4.77 2.21
C LYS A 116 17.02 -3.45 1.44
N ILE A 117 15.92 -2.94 0.88
CA ILE A 117 15.90 -1.64 0.19
C ILE A 117 16.19 -0.55 1.20
N SER A 118 15.50 -0.57 2.34
CA SER A 118 15.70 0.42 3.38
C SER A 118 17.15 0.49 3.83
N GLU A 119 17.81 -0.66 4.02
CA GLU A 119 19.19 -0.62 4.47
C GLU A 119 20.23 -0.27 3.38
N THR A 120 19.97 -0.58 2.11
CA THR A 120 20.95 -0.36 1.04
C THR A 120 20.67 0.83 0.14
N GLN A 121 19.41 1.03 -0.29
CA GLN A 121 19.00 2.13 -1.20
C GLN A 121 17.73 2.77 -0.63
N PRO A 122 17.79 3.42 0.58
CA PRO A 122 16.58 3.98 1.22
C PRO A 122 15.78 4.95 0.35
N GLU A 123 16.41 5.64 -0.63
CA GLU A 123 15.70 6.54 -1.55
C GLU A 123 14.64 5.77 -2.36
N LEU A 124 14.87 4.46 -2.60
CA LEU A 124 13.91 3.65 -3.36
C LEU A 124 12.59 3.37 -2.57
N LEU A 125 12.58 3.68 -1.24
CA LEU A 125 11.34 3.56 -0.45
C LEU A 125 10.28 4.54 -0.99
N ALA A 126 10.72 5.56 -1.76
CA ALA A 126 9.79 6.48 -2.44
C ALA A 126 8.84 5.69 -3.33
N ALA A 127 9.34 4.62 -3.99
CA ALA A 127 8.56 3.73 -4.87
C ALA A 127 7.48 2.98 -4.09
N HIS A 128 7.83 2.52 -2.89
CA HIS A 128 6.97 1.81 -1.97
C HIS A 128 5.84 2.71 -1.45
N SER A 129 6.20 3.94 -1.04
CA SER A 129 5.25 4.99 -0.65
C SER A 129 4.27 5.27 -1.83
N TYR A 130 4.79 5.52 -3.04
CA TYR A 130 3.94 5.77 -4.22
C TYR A 130 2.95 4.63 -4.51
N VAL A 131 3.46 3.41 -4.74
CA VAL A 131 2.65 2.28 -5.15
C VAL A 131 1.58 1.97 -4.13
N ARG A 132 1.96 1.83 -2.86
CA ARG A 132 0.96 1.57 -1.82
C ARG A 132 0.18 2.84 -1.38
N TYR A 133 0.81 3.87 -0.78
CA TYR A 133 0.02 5.01 -0.24
C TYR A 133 -0.70 5.84 -1.25
N LEU A 134 -0.07 6.18 -2.40
CA LEU A 134 -0.85 7.01 -3.35
C LEU A 134 -2.04 6.20 -3.90
N GLY A 135 -1.86 4.89 -4.08
CA GLY A 135 -2.94 4.00 -4.50
C GLY A 135 -4.05 3.95 -3.47
N ASP A 136 -3.67 3.83 -2.17
CA ASP A 136 -4.62 3.78 -1.05
C ASP A 136 -5.44 5.07 -0.96
N LEU A 137 -4.76 6.20 -1.04
CA LEU A 137 -5.45 7.48 -1.01
C LEU A 137 -6.38 7.65 -2.23
N SER A 138 -5.93 7.21 -3.43
CA SER A 138 -6.72 7.32 -4.66
C SER A 138 -7.95 6.42 -4.71
N GLY A 139 -7.81 5.19 -4.20
CA GLY A 139 -8.87 4.17 -4.24
C GLY A 139 -9.73 3.94 -3.02
N GLY A 140 -9.32 4.48 -1.87
CA GLY A 140 -10.00 4.27 -0.60
C GLY A 140 -11.50 4.46 -0.55
N GLN A 141 -11.98 5.64 -0.99
CA GLN A 141 -13.43 5.89 -0.96
C GLN A 141 -14.22 4.88 -1.79
N ILE A 142 -13.70 4.51 -2.97
CA ILE A 142 -14.32 3.52 -3.85
C ILE A 142 -14.28 2.12 -3.23
N LEU A 143 -13.07 1.69 -2.78
CA LEU A 143 -12.84 0.37 -2.22
C LEU A 143 -13.60 0.12 -0.91
N LYS A 144 -13.73 1.15 -0.03
CA LYS A 144 -14.48 0.95 1.21
C LYS A 144 -15.96 0.63 0.93
N LYS A 145 -16.57 1.30 -0.07
CA LYS A 145 -17.97 1.06 -0.46
C LYS A 145 -18.14 -0.32 -1.07
N VAL A 146 -17.19 -0.74 -1.96
CA VAL A 146 -17.21 -2.06 -2.61
C VAL A 146 -17.12 -3.14 -1.51
N ALA A 147 -16.13 -3.01 -0.58
CA ALA A 147 -15.92 -3.98 0.51
C ALA A 147 -17.13 -4.09 1.45
N ALA A 148 -17.72 -2.95 1.85
CA ALA A 148 -18.85 -2.93 2.76
C ALA A 148 -20.06 -3.62 2.12
N ARG A 149 -20.24 -3.44 0.82
CA ARG A 149 -21.33 -3.99 0.04
C ARG A 149 -21.09 -5.51 -0.15
N ALA A 150 -19.86 -5.89 -0.48
CA ALA A 150 -19.45 -7.27 -0.71
C ALA A 150 -19.61 -8.14 0.53
N LEU A 151 -19.24 -7.62 1.71
CA LEU A 151 -19.30 -8.36 2.97
C LEU A 151 -20.50 -8.04 3.86
N ASN A 152 -21.41 -7.16 3.35
CA ASN A 152 -22.58 -6.65 4.05
C ASN A 152 -22.15 -6.17 5.43
N LEU A 153 -21.11 -5.32 5.47
CA LEU A 153 -20.54 -4.84 6.72
C LEU A 153 -21.42 -3.88 7.49
N PRO A 154 -21.36 -3.89 8.85
CA PRO A 154 -22.09 -2.85 9.61
C PRO A 154 -21.50 -1.46 9.28
N GLU A 155 -22.31 -0.42 9.47
CA GLU A 155 -21.93 0.97 9.25
C GLU A 155 -20.68 1.32 10.04
N GLY A 156 -19.65 1.79 9.33
CA GLY A 156 -18.37 2.22 9.90
C GLY A 156 -17.46 1.15 10.47
N LYS A 157 -17.73 -0.13 10.21
CA LYS A 157 -16.91 -1.23 10.72
C LYS A 157 -16.15 -1.97 9.60
N GLY A 158 -14.97 -2.46 9.95
CA GLY A 158 -14.11 -3.27 9.10
C GLY A 158 -13.57 -2.62 7.84
N ILE A 159 -13.54 -1.28 7.79
CA ILE A 159 -13.05 -0.53 6.62
C ILE A 159 -12.05 0.56 7.02
N SER A 160 -11.46 0.50 8.26
CA SER A 160 -10.48 1.52 8.68
C SER A 160 -9.32 1.63 7.70
N PHE A 161 -8.92 0.51 7.06
CA PHE A 161 -7.82 0.54 6.09
C PHE A 161 -8.01 1.56 4.97
N TYR A 162 -9.25 1.83 4.58
CA TYR A 162 -9.53 2.76 3.48
C TYR A 162 -9.76 4.20 3.89
N GLU A 163 -9.70 4.48 5.21
CA GLU A 163 -9.97 5.81 5.74
C GLU A 163 -8.75 6.51 6.32
N PHE A 164 -8.65 7.82 6.04
CA PHE A 164 -7.54 8.69 6.46
C PHE A 164 -8.07 9.81 7.37
N PRO A 165 -8.35 9.53 8.67
CA PRO A 165 -8.92 10.57 9.53
C PRO A 165 -8.01 11.80 9.70
N MET A 166 -6.69 11.64 9.47
CA MET A 166 -5.73 12.74 9.58
C MET A 166 -5.75 13.67 8.35
N ILE A 167 -6.48 13.28 7.29
CA ILE A 167 -6.55 14.01 6.01
C ILE A 167 -8.01 14.43 5.79
N GLN A 168 -8.31 15.72 5.90
CA GLN A 168 -9.70 16.19 5.71
C GLN A 168 -10.00 16.60 4.27
N ASP A 169 -8.96 16.80 3.46
CA ASP A 169 -9.05 17.16 2.04
C ASP A 169 -8.23 16.15 1.23
N ILE A 170 -8.86 15.04 0.86
CA ILE A 170 -8.19 13.96 0.12
C ILE A 170 -7.61 14.44 -1.21
N ASN A 171 -8.43 15.19 -1.99
CA ASN A 171 -8.05 15.72 -3.31
CA ASN A 171 -7.96 15.61 -3.30
C ASN A 171 -6.83 16.64 -3.18
N GLY A 172 -6.88 17.53 -2.19
CA GLY A 172 -5.77 18.46 -1.94
C GLY A 172 -4.51 17.72 -1.53
N PHE A 173 -4.64 16.66 -0.69
CA PHE A 173 -3.51 15.86 -0.24
C PHE A 173 -2.87 15.07 -1.38
N LYS A 174 -3.69 14.47 -2.28
CA LYS A 174 -3.18 13.74 -3.44
C LYS A 174 -2.32 14.67 -4.29
N GLN A 175 -2.80 15.92 -4.52
CA GLN A 175 -2.08 16.93 -5.32
C GLN A 175 -0.78 17.29 -4.64
N ASN A 176 -0.82 17.53 -3.30
CA ASN A 176 0.33 17.88 -2.49
C ASN A 176 1.35 16.74 -2.49
N TYR A 177 0.88 15.49 -2.48
CA TYR A 177 1.72 14.29 -2.56
C TYR A 177 2.48 14.25 -3.90
N ARG A 178 1.76 14.45 -5.03
CA ARG A 178 2.41 14.39 -6.34
C ARG A 178 3.40 15.56 -6.50
N THR A 179 3.06 16.75 -5.97
CA THR A 179 3.95 17.91 -5.95
C THR A 179 5.21 17.54 -5.13
N ALA A 180 5.02 16.84 -3.98
CA ALA A 180 6.11 16.36 -3.11
C ALA A 180 7.05 15.40 -3.88
N LEU A 181 6.49 14.46 -4.69
CA LEU A 181 7.26 13.53 -5.53
C LEU A 181 8.12 14.33 -6.52
N ASP A 182 7.53 15.37 -7.11
CA ASP A 182 8.23 16.21 -8.08
C ASP A 182 9.33 17.08 -7.45
N SER A 183 9.26 17.30 -6.12
CA SER A 183 10.21 18.09 -5.34
C SER A 183 11.42 17.27 -4.92
N LEU A 184 11.30 15.92 -4.94
CA LEU A 184 12.38 15.05 -4.49
C LEU A 184 13.70 15.40 -5.14
N PRO A 185 14.78 15.65 -4.34
CA PRO A 185 16.08 15.98 -4.95
C PRO A 185 16.76 14.78 -5.60
N VAL A 186 16.25 14.35 -6.78
CA VAL A 186 16.78 13.22 -7.53
C VAL A 186 16.94 13.60 -8.99
N ASN A 187 17.96 13.03 -9.70
CA ASN A 187 18.10 13.34 -11.11
C ASN A 187 17.27 12.35 -11.93
N ASP A 188 17.21 12.53 -13.26
CA ASP A 188 16.39 11.68 -14.12
C ASP A 188 16.81 10.21 -14.10
N SER A 189 18.12 9.94 -13.96
CA SER A 189 18.62 8.56 -13.83
C SER A 189 18.10 7.91 -12.55
N GLU A 190 18.16 8.66 -11.46
CA GLU A 190 17.62 8.23 -10.16
C GLU A 190 16.12 8.03 -10.21
N LYS A 191 15.39 8.88 -10.97
CA LYS A 191 13.95 8.70 -11.14
C LYS A 191 13.65 7.38 -11.85
N GLN A 192 14.52 6.99 -12.82
CA GLN A 192 14.41 5.71 -13.52
C GLN A 192 14.53 4.53 -12.56
N SER A 193 15.45 4.62 -11.58
CA SER A 193 15.64 3.59 -10.55
C SER A 193 14.38 3.53 -9.66
N ILE A 194 13.77 4.71 -9.37
CA ILE A 194 12.52 4.76 -8.58
C ILE A 194 11.38 4.09 -9.38
N LEU A 195 11.32 4.35 -10.71
CA LEU A 195 10.33 3.68 -11.58
C LEU A 195 10.54 2.13 -11.58
N ALA A 196 11.79 1.65 -11.71
CA ALA A 196 12.14 0.21 -11.69
C ALA A 196 11.68 -0.42 -10.36
N GLU A 197 11.88 0.30 -9.24
CA GLU A 197 11.42 -0.21 -7.93
C GLU A 197 9.88 -0.29 -7.86
N SER A 198 9.19 0.74 -8.38
CA SER A 198 7.72 0.79 -8.40
C SER A 198 7.15 -0.43 -9.14
N LYS A 199 7.75 -0.79 -10.30
CA LYS A 199 7.33 -1.98 -11.04
C LYS A 199 7.48 -3.26 -10.21
N GLN A 200 8.58 -3.37 -9.45
CA GLN A 200 8.86 -4.50 -8.56
C GLN A 200 7.80 -4.56 -7.47
N VAL A 201 7.43 -3.40 -6.91
CA VAL A 201 6.40 -3.32 -5.85
C VAL A 201 5.07 -3.84 -6.41
N PHE A 202 4.66 -3.40 -7.63
CA PHE A 202 3.42 -3.91 -8.23
C PHE A 202 3.48 -5.44 -8.32
N LEU A 203 4.64 -5.99 -8.74
CA LEU A 203 4.81 -7.44 -8.84
C LEU A 203 4.67 -8.12 -7.48
N LEU A 204 5.21 -7.49 -6.42
CA LEU A 204 5.14 -8.08 -5.06
C LEU A 204 3.71 -8.09 -4.56
N ASN A 205 2.91 -7.08 -4.94
CA ASN A 205 1.49 -7.03 -4.62
C ASN A 205 0.73 -8.11 -5.38
N GLN A 206 1.06 -8.33 -6.68
CA GLN A 206 0.45 -9.41 -7.48
C GLN A 206 0.75 -10.77 -6.81
N GLY A 207 1.97 -10.89 -6.26
CA GLY A 207 2.43 -12.08 -5.55
C GLY A 207 1.59 -12.42 -4.33
N ILE A 208 1.28 -11.42 -3.49
CA ILE A 208 0.45 -11.66 -2.31
C ILE A 208 -1.01 -11.93 -2.74
N PHE A 209 -1.51 -11.26 -3.81
CA PHE A 209 -2.87 -11.49 -4.31
C PHE A 209 -3.04 -12.89 -4.90
N SER A 210 -1.94 -13.41 -5.52
CA SER A 210 -1.86 -14.75 -6.14
CA SER A 210 -1.93 -14.74 -6.14
C SER A 210 -2.13 -15.86 -5.14
N GLU A 211 -1.85 -15.60 -3.85
CA GLU A 211 -2.02 -16.61 -2.80
C GLU A 211 -3.46 -16.81 -2.33
N LEU A 212 -4.31 -15.81 -2.56
CA LEU A 212 -5.69 -15.74 -2.04
C LEU A 212 -6.69 -16.62 -2.79
#